data_5E5V
# 
_entry.id   5E5V 
# 
_audit_conform.dict_name       mmcif_pdbx.dic 
_audit_conform.dict_version    5.387 
_audit_conform.dict_location   http://mmcif.pdb.org/dictionaries/ascii/mmcif_pdbx.dic 
# 
loop_
_database_2.database_id 
_database_2.database_code 
_database_2.pdbx_database_accession 
_database_2.pdbx_DOI 
PDB   5E5V         pdb_00005e5v 10.2210/pdb5e5v/pdb 
WWPDB D_1000214418 ?            ?                   
# 
loop_
_pdbx_audit_revision_history.ordinal 
_pdbx_audit_revision_history.data_content_type 
_pdbx_audit_revision_history.major_revision 
_pdbx_audit_revision_history.minor_revision 
_pdbx_audit_revision_history.revision_date 
1 'Structure model' 1 0 2015-12-16 
2 'Structure model' 1 1 2016-01-20 
3 'Structure model' 1 2 2016-07-20 
4 'Structure model' 1 3 2024-03-06 
# 
_pdbx_audit_revision_details.ordinal             1 
_pdbx_audit_revision_details.revision_ordinal    1 
_pdbx_audit_revision_details.data_content_type   'Structure model' 
_pdbx_audit_revision_details.provider            repository 
_pdbx_audit_revision_details.type                'Initial release' 
_pdbx_audit_revision_details.description         ? 
_pdbx_audit_revision_details.details             ? 
# 
loop_
_pdbx_audit_revision_group.ordinal 
_pdbx_audit_revision_group.revision_ordinal 
_pdbx_audit_revision_group.data_content_type 
_pdbx_audit_revision_group.group 
1 2 'Structure model' 'Database references'  
2 3 'Structure model' 'Database references'  
3 4 'Structure model' 'Data collection'      
4 4 'Structure model' 'Database references'  
5 4 'Structure model' 'Derived calculations' 
# 
loop_
_pdbx_audit_revision_category.ordinal 
_pdbx_audit_revision_category.revision_ordinal 
_pdbx_audit_revision_category.data_content_type 
_pdbx_audit_revision_category.category 
1 4 'Structure model' chem_comp_atom        
2 4 'Structure model' chem_comp_bond        
3 4 'Structure model' citation              
4 4 'Structure model' database_2            
5 4 'Structure model' pdbx_struct_oper_list 
# 
loop_
_pdbx_audit_revision_item.ordinal 
_pdbx_audit_revision_item.revision_ordinal 
_pdbx_audit_revision_item.data_content_type 
_pdbx_audit_revision_item.item 
1 4 'Structure model' '_citation.journal_id_CSD'                  
2 4 'Structure model' '_database_2.pdbx_DOI'                      
3 4 'Structure model' '_database_2.pdbx_database_accession'       
4 4 'Structure model' '_pdbx_struct_oper_list.symmetry_operation' 
# 
_pdbx_database_status.status_code                     REL 
_pdbx_database_status.status_code_sf                  REL 
_pdbx_database_status.status_code_mr                  ? 
_pdbx_database_status.entry_id                        5E5V 
_pdbx_database_status.recvd_initial_deposition_date   2015-10-09 
_pdbx_database_status.SG_entry                        N 
_pdbx_database_status.deposit_site                    RCSB 
_pdbx_database_status.process_site                    RCSB 
_pdbx_database_status.status_code_cs                  ? 
_pdbx_database_status.methods_development_category    ? 
_pdbx_database_status.pdb_format_compatible           Y 
_pdbx_database_status.status_code_nmr_data            ? 
# 
loop_
_pdbx_database_related.content_type 
_pdbx_database_related.db_id 
_pdbx_database_related.db_name 
_pdbx_database_related.details 
unspecified 5E5X PDB . 
unspecified 5E5Z PDB . 
unspecified 5E61 PDB . 
# 
loop_
_audit_author.name 
_audit_author.pdbx_ordinal 
'Soriaga, A.B.' 1 
'Macdonald, R.' 2 
'Sawaya, M.R.'  3 
'Sangwan, S.'   4 
'Eisenberg, D.' 5 
# 
_citation.abstract                  ? 
_citation.abstract_id_CAS           ? 
_citation.book_id_ISBN              ? 
_citation.book_publisher            ? 
_citation.book_publisher_city       ? 
_citation.book_title                ? 
_citation.coordinate_linkage        ? 
_citation.country                   US 
_citation.database_id_Medline       ? 
_citation.details                   ? 
_citation.id                        primary 
_citation.journal_abbrev            J.Phys.Chem.B 
_citation.journal_id_ASTM           JPCBFK 
_citation.journal_id_CSD            1278 
_citation.journal_id_ISSN           1089-5647 
_citation.journal_full              ? 
_citation.journal_issue             ? 
_citation.journal_volume            120 
_citation.language                  ? 
_citation.page_first                5810 
_citation.page_last                 5816 
_citation.title                     
'Crystal Structures of IAPP Amyloidogenic Segments Reveal a Novel Packing Motif of Out-of-Register Beta Sheets.' 
_citation.year                      2016 
_citation.database_id_CSD           ? 
_citation.pdbx_database_id_DOI      10.1021/acs.jpcb.5b09981 
_citation.pdbx_database_id_PubMed   26629790 
_citation.unpublished_flag          ? 
# 
loop_
_citation_author.citation_id 
_citation_author.name 
_citation_author.ordinal 
_citation_author.identifier_ORCID 
primary 'Soriaga, A.B.' 1 ? 
primary 'Sangwan, S.'   2 ? 
primary 'Macdonald, R.' 3 ? 
primary 'Sawaya, M.R.'  4 ? 
primary 'Eisenberg, D.' 5 ? 
# 
loop_
_entity.id 
_entity.type 
_entity.src_method 
_entity.pdbx_description 
_entity.formula_weight 
_entity.pdbx_number_of_molecules 
_entity.pdbx_ec 
_entity.pdbx_mutation 
_entity.pdbx_fragment 
_entity.details 
1 polymer syn 'NFGAILS (22-28) from islet amyloid polypeptide, synthesized' 720.815 2 ? ? ? ? 
2 water   nat water                                                         18.015  7 ? ? ? ? 
# 
_entity_poly.entity_id                      1 
_entity_poly.type                           'polypeptide(L)' 
_entity_poly.nstd_linkage                   no 
_entity_poly.nstd_monomer                   no 
_entity_poly.pdbx_seq_one_letter_code       NFGAILS 
_entity_poly.pdbx_seq_one_letter_code_can   NFGAILS 
_entity_poly.pdbx_strand_id                 A,B 
_entity_poly.pdbx_target_identifier         ? 
# 
_pdbx_entity_nonpoly.entity_id   2 
_pdbx_entity_nonpoly.name        water 
_pdbx_entity_nonpoly.comp_id     HOH 
# 
loop_
_entity_poly_seq.entity_id 
_entity_poly_seq.num 
_entity_poly_seq.mon_id 
_entity_poly_seq.hetero 
1 1 ASN n 
1 2 PHE n 
1 3 GLY n 
1 4 ALA n 
1 5 ILE n 
1 6 LEU n 
1 7 SER n 
# 
_pdbx_entity_src_syn.entity_id              1 
_pdbx_entity_src_syn.pdbx_src_id            1 
_pdbx_entity_src_syn.pdbx_alt_source_flag   sample 
_pdbx_entity_src_syn.pdbx_beg_seq_num       1 
_pdbx_entity_src_syn.pdbx_end_seq_num       7 
_pdbx_entity_src_syn.organism_scientific    'Homo sapiens' 
_pdbx_entity_src_syn.organism_common_name   ? 
_pdbx_entity_src_syn.ncbi_taxonomy_id       9606 
_pdbx_entity_src_syn.details                ? 
# 
loop_
_chem_comp.id 
_chem_comp.type 
_chem_comp.mon_nstd_flag 
_chem_comp.name 
_chem_comp.pdbx_synonyms 
_chem_comp.formula 
_chem_comp.formula_weight 
ALA 'L-peptide linking' y ALANINE       ? 'C3 H7 N O2'  89.093  
ASN 'L-peptide linking' y ASPARAGINE    ? 'C4 H8 N2 O3' 132.118 
GLY 'peptide linking'   y GLYCINE       ? 'C2 H5 N O2'  75.067  
HOH non-polymer         . WATER         ? 'H2 O'        18.015  
ILE 'L-peptide linking' y ISOLEUCINE    ? 'C6 H13 N O2' 131.173 
LEU 'L-peptide linking' y LEUCINE       ? 'C6 H13 N O2' 131.173 
PHE 'L-peptide linking' y PHENYLALANINE ? 'C9 H11 N O2' 165.189 
SER 'L-peptide linking' y SERINE        ? 'C3 H7 N O3'  105.093 
# 
loop_
_pdbx_poly_seq_scheme.asym_id 
_pdbx_poly_seq_scheme.entity_id 
_pdbx_poly_seq_scheme.seq_id 
_pdbx_poly_seq_scheme.mon_id 
_pdbx_poly_seq_scheme.ndb_seq_num 
_pdbx_poly_seq_scheme.pdb_seq_num 
_pdbx_poly_seq_scheme.auth_seq_num 
_pdbx_poly_seq_scheme.pdb_mon_id 
_pdbx_poly_seq_scheme.auth_mon_id 
_pdbx_poly_seq_scheme.pdb_strand_id 
_pdbx_poly_seq_scheme.pdb_ins_code 
_pdbx_poly_seq_scheme.hetero 
A 1 1 ASN 1 1 1 ASN ASN A . n 
A 1 2 PHE 2 2 2 PHE PHE A . n 
A 1 3 GLY 3 3 3 GLY GLY A . n 
A 1 4 ALA 4 4 4 ALA ALA A . n 
A 1 5 ILE 5 5 5 ILE ILE A . n 
A 1 6 LEU 6 6 6 LEU LEU A . n 
A 1 7 SER 7 7 7 SER SER A . n 
B 1 1 ASN 1 1 1 ASN ASN B . n 
B 1 2 PHE 2 2 2 PHE PHE B . n 
B 1 3 GLY 3 3 3 GLY GLY B . n 
B 1 4 ALA 4 4 4 ALA ALA B . n 
B 1 5 ILE 5 5 5 ILE ILE B . n 
B 1 6 LEU 6 6 6 LEU LEU B . n 
B 1 7 SER 7 7 7 SER SER B . n 
# 
loop_
_pdbx_nonpoly_scheme.asym_id 
_pdbx_nonpoly_scheme.entity_id 
_pdbx_nonpoly_scheme.mon_id 
_pdbx_nonpoly_scheme.ndb_seq_num 
_pdbx_nonpoly_scheme.pdb_seq_num 
_pdbx_nonpoly_scheme.auth_seq_num 
_pdbx_nonpoly_scheme.pdb_mon_id 
_pdbx_nonpoly_scheme.auth_mon_id 
_pdbx_nonpoly_scheme.pdb_strand_id 
_pdbx_nonpoly_scheme.pdb_ins_code 
C 2 HOH 1 101 5 HOH HOH A . 
C 2 HOH 2 102 3 HOH HOH A . 
C 2 HOH 3 103 1 HOH HOH A . 
D 2 HOH 1 101 6 HOH HOH B . 
D 2 HOH 2 102 2 HOH HOH B . 
D 2 HOH 3 103 4 HOH HOH B . 
D 2 HOH 4 104 7 HOH HOH B . 
# 
loop_
_software.citation_id 
_software.classification 
_software.compiler_name 
_software.compiler_version 
_software.contact_author 
_software.contact_author_email 
_software.date 
_software.description 
_software.dependencies 
_software.hardware 
_software.language 
_software.location 
_software.mods 
_software.name 
_software.os 
_software.os_version 
_software.type 
_software.version 
_software.pdbx_ordinal 
? refinement       ? ? ? ? ? ? ? ? ? ? ? PHENIX ? ? ? 1.8.1_1168 1 
? 'data reduction' ? ? ? ? ? ? ? ? ? ? ? DENZO  ? ? ? .          2 
? phasing          ? ? ? ? ? ? ? ? ? ? ? PHASER ? ? ? .          3 
# 
_cell.angle_alpha                  86.39 
_cell.angle_alpha_esd              ? 
_cell.angle_beta                   82.21 
_cell.angle_beta_esd               ? 
_cell.angle_gamma                  76.35 
_cell.angle_gamma_esd              ? 
_cell.entry_id                     5E5V 
_cell.details                      ? 
_cell.formula_units_Z              ? 
_cell.length_a                     8.661 
_cell.length_a_esd                 ? 
_cell.length_b                     11.594 
_cell.length_b_esd                 ? 
_cell.length_c                     21.552 
_cell.length_c_esd                 ? 
_cell.volume                       ? 
_cell.volume_esd                   ? 
_cell.Z_PDB                        2 
_cell.reciprocal_angle_alpha       ? 
_cell.reciprocal_angle_beta        ? 
_cell.reciprocal_angle_gamma       ? 
_cell.reciprocal_angle_alpha_esd   ? 
_cell.reciprocal_angle_beta_esd    ? 
_cell.reciprocal_angle_gamma_esd   ? 
_cell.reciprocal_length_a          ? 
_cell.reciprocal_length_b          ? 
_cell.reciprocal_length_c          ? 
_cell.reciprocal_length_a_esd      ? 
_cell.reciprocal_length_b_esd      ? 
_cell.reciprocal_length_c_esd      ? 
_cell.pdbx_unique_axis             ? 
# 
_symmetry.entry_id                         5E5V 
_symmetry.cell_setting                     ? 
_symmetry.Int_Tables_number                1 
_symmetry.space_group_name_Hall            ? 
_symmetry.space_group_name_H-M             'P 1' 
_symmetry.pdbx_full_space_group_name_H-M   ? 
# 
_exptl.absorpt_coefficient_mu     ? 
_exptl.absorpt_correction_T_max   ? 
_exptl.absorpt_correction_T_min   ? 
_exptl.absorpt_correction_type    ? 
_exptl.absorpt_process_details    ? 
_exptl.entry_id                   5E5V 
_exptl.crystals_number            ? 
_exptl.details                    ? 
_exptl.method                     'X-RAY DIFFRACTION' 
_exptl.method_details             ? 
# 
_exptl_crystal.colour                      ? 
_exptl_crystal.density_diffrn              ? 
_exptl_crystal.density_Matthews            1.44 
_exptl_crystal.density_method              ? 
_exptl_crystal.density_percent_sol         14.85 
_exptl_crystal.description                 ? 
_exptl_crystal.F_000                       ? 
_exptl_crystal.id                          1 
_exptl_crystal.preparation                 ? 
_exptl_crystal.size_max                    ? 
_exptl_crystal.size_mid                    ? 
_exptl_crystal.size_min                    ? 
_exptl_crystal.size_rad                    ? 
_exptl_crystal.colour_lustre               ? 
_exptl_crystal.colour_modifier             ? 
_exptl_crystal.colour_primary              ? 
_exptl_crystal.density_meas                ? 
_exptl_crystal.density_meas_esd            ? 
_exptl_crystal.density_meas_gt             ? 
_exptl_crystal.density_meas_lt             ? 
_exptl_crystal.density_meas_temp           ? 
_exptl_crystal.density_meas_temp_esd       ? 
_exptl_crystal.density_meas_temp_gt        ? 
_exptl_crystal.density_meas_temp_lt        ? 
_exptl_crystal.pdbx_crystal_image_url      ? 
_exptl_crystal.pdbx_crystal_image_format   ? 
_exptl_crystal.pdbx_mosaicity              ? 
_exptl_crystal.pdbx_mosaicity_esd          ? 
# 
_exptl_crystal_grow.apparatus       ? 
_exptl_crystal_grow.atmosphere      ? 
_exptl_crystal_grow.crystal_id      1 
_exptl_crystal_grow.details         ? 
_exptl_crystal_grow.method          'VAPOR DIFFUSION, HANGING DROP' 
_exptl_crystal_grow.method_ref      ? 
_exptl_crystal_grow.pH              ? 
_exptl_crystal_grow.pressure        ? 
_exptl_crystal_grow.pressure_esd    ? 
_exptl_crystal_grow.seeding         ? 
_exptl_crystal_grow.seeding_ref     ? 
_exptl_crystal_grow.temp            291 
_exptl_crystal_grow.temp_details    ? 
_exptl_crystal_grow.temp_esd        ? 
_exptl_crystal_grow.time            ? 
_exptl_crystal_grow.pdbx_details    '7 mg/ml in water and mixed with 10% ethanol and 1.5M NaCl' 
_exptl_crystal_grow.pdbx_pH_range   ? 
# 
_diffrn.ambient_environment    ? 
_diffrn.ambient_temp           291 
_diffrn.ambient_temp_details   ? 
_diffrn.ambient_temp_esd       ? 
_diffrn.crystal_id             1 
_diffrn.crystal_support        ? 
_diffrn.crystal_treatment      ? 
_diffrn.details                ? 
_diffrn.id                     1 
_diffrn.ambient_pressure       ? 
_diffrn.ambient_pressure_esd   ? 
_diffrn.ambient_pressure_gt    ? 
_diffrn.ambient_pressure_lt    ? 
_diffrn.ambient_temp_gt        ? 
_diffrn.ambient_temp_lt        ? 
# 
_diffrn_detector.details                      ? 
_diffrn_detector.detector                     CCD 
_diffrn_detector.diffrn_id                    1 
_diffrn_detector.type                         'ADSC QUANTUM 315' 
_diffrn_detector.area_resol_mean              ? 
_diffrn_detector.dtime                        ? 
_diffrn_detector.pdbx_frames_total            ? 
_diffrn_detector.pdbx_collection_time_total   ? 
_diffrn_detector.pdbx_collection_date         2013-03-22 
# 
_diffrn_radiation.collimation                      ? 
_diffrn_radiation.diffrn_id                        1 
_diffrn_radiation.filter_edge                      ? 
_diffrn_radiation.inhomogeneity                    ? 
_diffrn_radiation.monochromator                    ? 
_diffrn_radiation.polarisn_norm                    ? 
_diffrn_radiation.polarisn_ratio                   ? 
_diffrn_radiation.probe                            ? 
_diffrn_radiation.type                             ? 
_diffrn_radiation.xray_symbol                      ? 
_diffrn_radiation.wavelength_id                    1 
_diffrn_radiation.pdbx_monochromatic_or_laue_m_l   M 
_diffrn_radiation.pdbx_wavelength_list             ? 
_diffrn_radiation.pdbx_wavelength                  ? 
_diffrn_radiation.pdbx_diffrn_protocol             'SINGLE WAVELENGTH' 
_diffrn_radiation.pdbx_analyzer                    ? 
_diffrn_radiation.pdbx_scattering_type             x-ray 
# 
_diffrn_radiation_wavelength.id           1 
_diffrn_radiation_wavelength.wavelength   0.979 
_diffrn_radiation_wavelength.wt           1.0 
# 
_diffrn_source.current                     ? 
_diffrn_source.details                     ? 
_diffrn_source.diffrn_id                   1 
_diffrn_source.power                       ? 
_diffrn_source.size                        ? 
_diffrn_source.source                      SYNCHROTRON 
_diffrn_source.target                      ? 
_diffrn_source.type                        'APS BEAMLINE 24-ID-E' 
_diffrn_source.voltage                     ? 
_diffrn_source.take-off_angle              ? 
_diffrn_source.pdbx_wavelength_list        0.979 
_diffrn_source.pdbx_wavelength             ? 
_diffrn_source.pdbx_synchrotron_beamline   24-ID-E 
_diffrn_source.pdbx_synchrotron_site       APS 
# 
_reflns.B_iso_Wilson_estimate            ? 
_reflns.entry_id                         5E5V 
_reflns.data_reduction_details           ? 
_reflns.data_reduction_method            ? 
_reflns.d_resolution_high                1.24 
_reflns.d_resolution_low                 100 
_reflns.details                          ? 
_reflns.limit_h_max                      ? 
_reflns.limit_h_min                      ? 
_reflns.limit_k_max                      ? 
_reflns.limit_k_min                      ? 
_reflns.limit_l_max                      ? 
_reflns.limit_l_min                      ? 
_reflns.number_all                       ? 
_reflns.number_obs                       2283 
_reflns.observed_criterion               ? 
_reflns.observed_criterion_F_max         ? 
_reflns.observed_criterion_F_min         ? 
_reflns.observed_criterion_I_max         ? 
_reflns.observed_criterion_I_min         ? 
_reflns.observed_criterion_sigma_F       ? 
_reflns.observed_criterion_sigma_I       ? 
_reflns.percent_possible_obs             97.8 
_reflns.R_free_details                   ? 
_reflns.Rmerge_F_all                     ? 
_reflns.Rmerge_F_obs                     ? 
_reflns.Friedel_coverage                 ? 
_reflns.number_gt                        ? 
_reflns.threshold_expression             ? 
_reflns.pdbx_redundancy                  2.9 
_reflns.pdbx_Rmerge_I_obs                0.166 
_reflns.pdbx_Rmerge_I_all                ? 
_reflns.pdbx_Rsym_value                  ? 
_reflns.pdbx_netI_over_av_sigmaI         ? 
_reflns.pdbx_netI_over_sigmaI            6.48 
_reflns.pdbx_res_netI_over_av_sigmaI_2   ? 
_reflns.pdbx_res_netI_over_sigmaI_2      ? 
_reflns.pdbx_chi_squared                 ? 
_reflns.pdbx_scaling_rejects             ? 
_reflns.pdbx_d_res_high_opt              ? 
_reflns.pdbx_d_res_low_opt               ? 
_reflns.pdbx_d_res_opt_method            ? 
_reflns.phase_calculation_details        ? 
_reflns.pdbx_Rrim_I_all                  ? 
_reflns.pdbx_Rpim_I_all                  ? 
_reflns.pdbx_d_opt                       ? 
_reflns.pdbx_number_measured_all         ? 
_reflns.pdbx_diffrn_id                   1 
_reflns.pdbx_ordinal                     1 
_reflns.pdbx_CC_half                     ? 
_reflns.pdbx_R_split                     ? 
# 
_reflns_shell.Rmerge_F_all                ? 
_reflns_shell.Rmerge_F_gt                 ? 
_reflns_shell.Rmerge_F_obs                ? 
_reflns_shell.Rmerge_I_all                ? 
_reflns_shell.Rmerge_I_gt                 ? 
_reflns_shell.Rmerge_I_obs                0.558 
_reflns_shell.d_res_high                  1.28 
_reflns_shell.d_res_low                   1.34 
_reflns_shell.meanI_over_sigI_all         ? 
_reflns_shell.meanI_over_sigI_gt          ? 
_reflns_shell.meanI_over_sigI_obs         1.6 
_reflns_shell.meanI_over_uI_all           ? 
_reflns_shell.meanI_over_uI_gt            ? 
_reflns_shell.number_measured_all         ? 
_reflns_shell.number_measured_gt          ? 
_reflns_shell.number_measured_obs         ? 
_reflns_shell.number_possible             ? 
_reflns_shell.number_unique_all           ? 
_reflns_shell.number_unique_gt            ? 
_reflns_shell.number_unique_obs           ? 
_reflns_shell.pdbx_CC_half                ? 
_reflns_shell.pdbx_R_split                ? 
_reflns_shell.pdbx_Rpim_I_all             ? 
_reflns_shell.pdbx_Rrim_I_all             ? 
_reflns_shell.pdbx_Rsym_value             ? 
_reflns_shell.pdbx_chi_squared            ? 
_reflns_shell.pdbx_diffrn_id              1 
_reflns_shell.pdbx_netI_over_sigmaI_all   ? 
_reflns_shell.pdbx_netI_over_sigmaI_obs   ? 
_reflns_shell.pdbx_ordinal                1 
_reflns_shell.pdbx_redundancy             ? 
_reflns_shell.pdbx_rejects                ? 
_reflns_shell.percent_possible_all        96.9 
_reflns_shell.percent_possible_gt         ? 
_reflns_shell.percent_possible_obs        ? 
# 
_refine.aniso_B[1][1]                            ? 
_refine.aniso_B[1][2]                            ? 
_refine.aniso_B[1][3]                            ? 
_refine.aniso_B[2][2]                            ? 
_refine.aniso_B[2][3]                            ? 
_refine.aniso_B[3][3]                            ? 
_refine.B_iso_max                                ? 
_refine.B_iso_mean                               ? 
_refine.B_iso_min                                ? 
_refine.correlation_coeff_Fo_to_Fc               ? 
_refine.correlation_coeff_Fo_to_Fc_free          ? 
_refine.details                                  ? 
_refine.diff_density_max                         ? 
_refine.diff_density_max_esd                     ? 
_refine.diff_density_min                         ? 
_refine.diff_density_min_esd                     ? 
_refine.diff_density_rms                         ? 
_refine.diff_density_rms_esd                     ? 
_refine.entry_id                                 5E5V 
_refine.pdbx_refine_id                           'X-RAY DIFFRACTION' 
_refine.ls_abs_structure_details                 ? 
_refine.ls_abs_structure_Flack                   ? 
_refine.ls_abs_structure_Flack_esd               ? 
_refine.ls_abs_structure_Rogers                  ? 
_refine.ls_abs_structure_Rogers_esd              ? 
_refine.ls_d_res_high                            1.240 
_refine.ls_d_res_low                             21.342 
_refine.ls_extinction_coef                       ? 
_refine.ls_extinction_coef_esd                   ? 
_refine.ls_extinction_expression                 ? 
_refine.ls_extinction_method                     ? 
_refine.ls_goodness_of_fit_all                   ? 
_refine.ls_goodness_of_fit_all_esd               ? 
_refine.ls_goodness_of_fit_obs                   ? 
_refine.ls_goodness_of_fit_obs_esd               ? 
_refine.ls_hydrogen_treatment                    ? 
_refine.ls_matrix_type                           ? 
_refine.ls_number_constraints                    ? 
_refine.ls_number_parameters                     ? 
_refine.ls_number_reflns_all                     ? 
_refine.ls_number_reflns_obs                     2227 
_refine.ls_number_reflns_R_free                  206 
_refine.ls_number_reflns_R_work                  ? 
_refine.ls_number_restraints                     ? 
_refine.ls_percent_reflns_obs                    97.59 
_refine.ls_percent_reflns_R_free                 9.25 
_refine.ls_R_factor_all                          ? 
_refine.ls_R_factor_obs                          0.1759 
_refine.ls_R_factor_R_free                       0.2062 
_refine.ls_R_factor_R_free_error                 ? 
_refine.ls_R_factor_R_free_error_details         ? 
_refine.ls_R_factor_R_work                       0.1728 
_refine.ls_R_Fsqd_factor_obs                     ? 
_refine.ls_R_I_factor_obs                        ? 
_refine.ls_redundancy_reflns_all                 ? 
_refine.ls_redundancy_reflns_obs                 ? 
_refine.ls_restrained_S_all                      ? 
_refine.ls_restrained_S_obs                      ? 
_refine.ls_shift_over_esd_max                    ? 
_refine.ls_shift_over_esd_mean                   ? 
_refine.ls_structure_factor_coef                 ? 
_refine.ls_weighting_details                     ? 
_refine.ls_weighting_scheme                      ? 
_refine.ls_wR_factor_all                         ? 
_refine.ls_wR_factor_obs                         ? 
_refine.ls_wR_factor_R_free                      ? 
_refine.ls_wR_factor_R_work                      ? 
_refine.occupancy_max                            ? 
_refine.occupancy_min                            ? 
_refine.solvent_model_details                    'FLAT BULK SOLVENT MODEL' 
_refine.solvent_model_param_bsol                 ? 
_refine.solvent_model_param_ksol                 ? 
_refine.ls_R_factor_gt                           ? 
_refine.ls_goodness_of_fit_gt                    ? 
_refine.ls_goodness_of_fit_ref                   ? 
_refine.ls_shift_over_su_max                     ? 
_refine.ls_shift_over_su_max_lt                  ? 
_refine.ls_shift_over_su_mean                    ? 
_refine.ls_shift_over_su_mean_lt                 ? 
_refine.pdbx_ls_sigma_I                          ? 
_refine.pdbx_ls_sigma_F                          2.00 
_refine.pdbx_ls_sigma_Fsqd                       ? 
_refine.pdbx_data_cutoff_high_absF               ? 
_refine.pdbx_data_cutoff_high_rms_absF           ? 
_refine.pdbx_data_cutoff_low_absF                ? 
_refine.pdbx_isotropic_thermal_model             ? 
_refine.pdbx_ls_cross_valid_method               'FREE R-VALUE' 
_refine.pdbx_method_to_determine_struct          ? 
_refine.pdbx_starting_model                      ? 
_refine.pdbx_stereochemistry_target_values       ML 
_refine.pdbx_R_Free_selection_details            ? 
_refine.pdbx_stereochem_target_val_spec_case     ? 
_refine.pdbx_overall_ESU_R                       ? 
_refine.pdbx_overall_ESU_R_Free                  ? 
_refine.pdbx_solvent_vdw_probe_radii             1.11 
_refine.pdbx_solvent_ion_probe_radii             ? 
_refine.pdbx_solvent_shrinkage_radii             0.90 
_refine.pdbx_real_space_R                        ? 
_refine.pdbx_density_correlation                 ? 
_refine.pdbx_pd_number_of_powder_patterns        ? 
_refine.pdbx_pd_number_of_points                 ? 
_refine.pdbx_pd_meas_number_of_points            ? 
_refine.pdbx_pd_proc_ls_prof_R_factor            ? 
_refine.pdbx_pd_proc_ls_prof_wR_factor           ? 
_refine.pdbx_pd_Marquardt_correlation_coeff      ? 
_refine.pdbx_pd_Fsqrd_R_factor                   ? 
_refine.pdbx_pd_ls_matrix_band_width             ? 
_refine.pdbx_overall_phase_error                 21.37 
_refine.pdbx_overall_SU_R_free_Cruickshank_DPI   ? 
_refine.pdbx_overall_SU_R_free_Blow_DPI          ? 
_refine.pdbx_overall_SU_R_Blow_DPI               ? 
_refine.pdbx_TLS_residual_ADP_flag               ? 
_refine.pdbx_diffrn_id                           1 
_refine.overall_SU_B                             ? 
_refine.overall_SU_ML                            0.13 
_refine.overall_SU_R_Cruickshank_DPI             ? 
_refine.overall_SU_R_free                        ? 
_refine.overall_FOM_free_R_set                   ? 
_refine.overall_FOM_work_R_set                   ? 
_refine.pdbx_average_fsc_overall                 ? 
_refine.pdbx_average_fsc_work                    ? 
_refine.pdbx_average_fsc_free                    ? 
# 
_refine_hist.pdbx_refine_id                   'X-RAY DIFFRACTION' 
_refine_hist.cycle_id                         LAST 
_refine_hist.pdbx_number_atoms_protein        102 
_refine_hist.pdbx_number_atoms_nucleic_acid   0 
_refine_hist.pdbx_number_atoms_ligand         0 
_refine_hist.number_atoms_solvent             7 
_refine_hist.number_atoms_total               109 
_refine_hist.d_res_high                       1.240 
_refine_hist.d_res_low                        21.342 
# 
loop_
_refine_ls_restr.pdbx_refine_id 
_refine_ls_restr.criterion 
_refine_ls_restr.dev_ideal 
_refine_ls_restr.dev_ideal_target 
_refine_ls_restr.number 
_refine_ls_restr.rejects 
_refine_ls_restr.type 
_refine_ls_restr.weight 
_refine_ls_restr.pdbx_restraint_function 
'X-RAY DIFFRACTION' ? 0.008  ? 102 ? f_bond_d           ? ? 
'X-RAY DIFFRACTION' ? 1.024  ? 136 ? f_angle_d          ? ? 
'X-RAY DIFFRACTION' ? 10.284 ? 32  ? f_dihedral_angle_d ? ? 
'X-RAY DIFFRACTION' ? 0.060  ? 16  ? f_chiral_restr     ? ? 
'X-RAY DIFFRACTION' ? 0.004  ? 18  ? f_plane_restr      ? ? 
# 
_refine_ls_shell.pdbx_refine_id                   'X-RAY DIFFRACTION' 
_refine_ls_shell.d_res_high                       1.2403 
_refine_ls_shell.d_res_low                        21.3455 
_refine_ls_shell.number_reflns_all                ? 
_refine_ls_shell.number_reflns_obs                ? 
_refine_ls_shell.number_reflns_R_free             206 
_refine_ls_shell.number_reflns_R_work             2021 
_refine_ls_shell.percent_reflns_obs               98.00 
_refine_ls_shell.percent_reflns_R_free            ? 
_refine_ls_shell.R_factor_all                     ? 
_refine_ls_shell.R_factor_obs                     ? 
_refine_ls_shell.R_factor_R_free                  0.2062 
_refine_ls_shell.R_factor_R_free_error            ? 
_refine_ls_shell.R_factor_R_work                  0.1728 
_refine_ls_shell.redundancy_reflns_all            ? 
_refine_ls_shell.redundancy_reflns_obs            ? 
_refine_ls_shell.wR_factor_all                    ? 
_refine_ls_shell.wR_factor_obs                    ? 
_refine_ls_shell.wR_factor_R_free                 ? 
_refine_ls_shell.wR_factor_R_work                 ? 
_refine_ls_shell.pdbx_total_number_of_bins_used   ? 
_refine_ls_shell.pdbx_phase_error                 ? 
_refine_ls_shell.pdbx_fsc_work                    ? 
_refine_ls_shell.pdbx_fsc_free                    ? 
# 
_struct.entry_id                     5E5V 
_struct.title                        'Structure of amyloid forming peptide NFGAILS (residues 22-28) from Islet Amyloid Polypeptide' 
_struct.pdbx_model_details           ? 
_struct.pdbx_formula_weight          ? 
_struct.pdbx_formula_weight_method   ? 
_struct.pdbx_model_type_details      ? 
_struct.pdbx_CASP_flag               ? 
# 
_struct_keywords.entry_id        5E5V 
_struct_keywords.text            'amyloid-like protofibril, Protein Fibril, de novo protein, membrane protein' 
_struct_keywords.pdbx_keywords   'de novo protein, membrane protein' 
# 
loop_
_struct_asym.id 
_struct_asym.pdbx_blank_PDB_chainid_flag 
_struct_asym.pdbx_modified 
_struct_asym.entity_id 
_struct_asym.details 
A N N 1 ? 
B N N 1 ? 
C N N 2 ? 
D N N 2 ? 
# 
_struct_ref.id                         1 
_struct_ref.db_name                    PDB 
_struct_ref.db_code                    5E5V 
_struct_ref.pdbx_db_accession          5E5V 
_struct_ref.pdbx_db_isoform            ? 
_struct_ref.entity_id                  1 
_struct_ref.pdbx_seq_one_letter_code   ? 
_struct_ref.pdbx_align_begin           1 
# 
loop_
_struct_ref_seq.align_id 
_struct_ref_seq.ref_id 
_struct_ref_seq.pdbx_PDB_id_code 
_struct_ref_seq.pdbx_strand_id 
_struct_ref_seq.seq_align_beg 
_struct_ref_seq.pdbx_seq_align_beg_ins_code 
_struct_ref_seq.seq_align_end 
_struct_ref_seq.pdbx_seq_align_end_ins_code 
_struct_ref_seq.pdbx_db_accession 
_struct_ref_seq.db_align_beg 
_struct_ref_seq.pdbx_db_align_beg_ins_code 
_struct_ref_seq.db_align_end 
_struct_ref_seq.pdbx_db_align_end_ins_code 
_struct_ref_seq.pdbx_auth_seq_align_beg 
_struct_ref_seq.pdbx_auth_seq_align_end 
1 1 5E5V A 1 ? 7 ? 5E5V 1 ? 7 ? 1 7 
2 1 5E5V B 1 ? 7 ? 5E5V 1 ? 7 ? 1 7 
# 
_pdbx_struct_assembly.id                   1 
_pdbx_struct_assembly.details              author_defined_assembly 
_pdbx_struct_assembly.method_details       ? 
_pdbx_struct_assembly.oligomeric_details   dodecameric 
_pdbx_struct_assembly.oligomeric_count     12 
# 
_pdbx_struct_assembly_gen.assembly_id       1 
_pdbx_struct_assembly_gen.oper_expression   1,2,3,4,5,6 
_pdbx_struct_assembly_gen.asym_id_list      A,B,C,D 
# 
loop_
_pdbx_struct_oper_list.id 
_pdbx_struct_oper_list.type 
_pdbx_struct_oper_list.name 
_pdbx_struct_oper_list.symmetry_operation 
_pdbx_struct_oper_list.matrix[1][1] 
_pdbx_struct_oper_list.matrix[1][2] 
_pdbx_struct_oper_list.matrix[1][3] 
_pdbx_struct_oper_list.vector[1] 
_pdbx_struct_oper_list.matrix[2][1] 
_pdbx_struct_oper_list.matrix[2][2] 
_pdbx_struct_oper_list.matrix[2][3] 
_pdbx_struct_oper_list.vector[2] 
_pdbx_struct_oper_list.matrix[3][1] 
_pdbx_struct_oper_list.matrix[3][2] 
_pdbx_struct_oper_list.matrix[3][3] 
_pdbx_struct_oper_list.vector[3] 
1 'identity operation'         1_555 x,y,z     1.0000000000 0.0000000000 0.0000000000 0.0000000000   0.0000000000 1.0000000000 0.0000000000 0.0000000000  0.0000000000 0.0000000000 1.0000000000 0.0000000000  
2 'crystal symmetry operation' 1_545 x,y-1,z   1.0000000000 0.0000000000 0.0000000000 2.7929666740   0.0000000000 1.0000000000 0.0000000000 8.2253067311  0.0000000000 0.0000000000 1.0000000000 -7.6788346993 
3 'crystal symmetry operation' 1_565 x,y+1,z   1.0000000000 0.0000000000 0.0000000000 -2.7929666740  0.0000000000 1.0000000000 0.0000000000 -8.2253067311 0.0000000000 0.0000000000 1.0000000000 7.6788346993  
4 'crystal symmetry operation' 1_655 x+1,y,z   1.0000000000 0.0000000000 0.0000000000 -8.6571978905  0.0000000000 1.0000000000 0.0000000000 -0.1413288418 0.0000000000 0.0000000000 1.0000000000 -0.2141771289 
5 'crystal symmetry operation' 1_645 x+1,y-1,z 1.0000000000 0.0000000000 0.0000000000 -5.8642312166  0.0000000000 1.0000000000 0.0000000000 8.0839778892  0.0000000000 0.0000000000 1.0000000000 -7.8930118282 
6 'crystal symmetry operation' 1_665 x+1,y+1,z 1.0000000000 0.0000000000 0.0000000000 -11.4501645645 0.0000000000 1.0000000000 0.0000000000 -8.3666355729 0.0000000000 0.0000000000 1.0000000000 7.4646575704 
# 
_struct_sheet.id               AA1 
_struct_sheet.type             ? 
_struct_sheet.number_strands   2 
_struct_sheet.details          ? 
# 
_struct_sheet_order.sheet_id     AA1 
_struct_sheet_order.range_id_1   1 
_struct_sheet_order.range_id_2   2 
_struct_sheet_order.offset       ? 
_struct_sheet_order.sense        anti-parallel 
# 
loop_
_struct_sheet_range.sheet_id 
_struct_sheet_range.id 
_struct_sheet_range.beg_label_comp_id 
_struct_sheet_range.beg_label_asym_id 
_struct_sheet_range.beg_label_seq_id 
_struct_sheet_range.pdbx_beg_PDB_ins_code 
_struct_sheet_range.end_label_comp_id 
_struct_sheet_range.end_label_asym_id 
_struct_sheet_range.end_label_seq_id 
_struct_sheet_range.pdbx_end_PDB_ins_code 
_struct_sheet_range.beg_auth_comp_id 
_struct_sheet_range.beg_auth_asym_id 
_struct_sheet_range.beg_auth_seq_id 
_struct_sheet_range.end_auth_comp_id 
_struct_sheet_range.end_auth_asym_id 
_struct_sheet_range.end_auth_seq_id 
AA1 1 GLY A 3 ? LEU A 6 ? GLY A 3 LEU A 6 
AA1 2 GLY B 3 ? LEU B 6 ? GLY B 3 LEU B 6 
# 
_pdbx_struct_sheet_hbond.sheet_id                AA1 
_pdbx_struct_sheet_hbond.range_id_1              1 
_pdbx_struct_sheet_hbond.range_id_2              2 
_pdbx_struct_sheet_hbond.range_1_label_atom_id   N 
_pdbx_struct_sheet_hbond.range_1_label_comp_id   LEU 
_pdbx_struct_sheet_hbond.range_1_label_asym_id   A 
_pdbx_struct_sheet_hbond.range_1_label_seq_id    6 
_pdbx_struct_sheet_hbond.range_1_PDB_ins_code    ? 
_pdbx_struct_sheet_hbond.range_1_auth_atom_id    N 
_pdbx_struct_sheet_hbond.range_1_auth_comp_id    LEU 
_pdbx_struct_sheet_hbond.range_1_auth_asym_id    A 
_pdbx_struct_sheet_hbond.range_1_auth_seq_id     6 
_pdbx_struct_sheet_hbond.range_2_label_atom_id   O 
_pdbx_struct_sheet_hbond.range_2_label_comp_id   GLY 
_pdbx_struct_sheet_hbond.range_2_label_asym_id   B 
_pdbx_struct_sheet_hbond.range_2_label_seq_id    3 
_pdbx_struct_sheet_hbond.range_2_PDB_ins_code    ? 
_pdbx_struct_sheet_hbond.range_2_auth_atom_id    O 
_pdbx_struct_sheet_hbond.range_2_auth_comp_id    GLY 
_pdbx_struct_sheet_hbond.range_2_auth_asym_id    B 
_pdbx_struct_sheet_hbond.range_2_auth_seq_id     3 
# 
loop_
_chem_comp_atom.comp_id 
_chem_comp_atom.atom_id 
_chem_comp_atom.type_symbol 
_chem_comp_atom.pdbx_aromatic_flag 
_chem_comp_atom.pdbx_stereo_config 
_chem_comp_atom.pdbx_ordinal 
ALA N    N N N 1   
ALA CA   C N S 2   
ALA C    C N N 3   
ALA O    O N N 4   
ALA CB   C N N 5   
ALA OXT  O N N 6   
ALA H    H N N 7   
ALA H2   H N N 8   
ALA HA   H N N 9   
ALA HB1  H N N 10  
ALA HB2  H N N 11  
ALA HB3  H N N 12  
ALA HXT  H N N 13  
ASN N    N N N 14  
ASN CA   C N S 15  
ASN C    C N N 16  
ASN O    O N N 17  
ASN CB   C N N 18  
ASN CG   C N N 19  
ASN OD1  O N N 20  
ASN ND2  N N N 21  
ASN OXT  O N N 22  
ASN H    H N N 23  
ASN H2   H N N 24  
ASN HA   H N N 25  
ASN HB2  H N N 26  
ASN HB3  H N N 27  
ASN HD21 H N N 28  
ASN HD22 H N N 29  
ASN HXT  H N N 30  
GLY N    N N N 31  
GLY CA   C N N 32  
GLY C    C N N 33  
GLY O    O N N 34  
GLY OXT  O N N 35  
GLY H    H N N 36  
GLY H2   H N N 37  
GLY HA2  H N N 38  
GLY HA3  H N N 39  
GLY HXT  H N N 40  
HOH O    O N N 41  
HOH H1   H N N 42  
HOH H2   H N N 43  
ILE N    N N N 44  
ILE CA   C N S 45  
ILE C    C N N 46  
ILE O    O N N 47  
ILE CB   C N S 48  
ILE CG1  C N N 49  
ILE CG2  C N N 50  
ILE CD1  C N N 51  
ILE OXT  O N N 52  
ILE H    H N N 53  
ILE H2   H N N 54  
ILE HA   H N N 55  
ILE HB   H N N 56  
ILE HG12 H N N 57  
ILE HG13 H N N 58  
ILE HG21 H N N 59  
ILE HG22 H N N 60  
ILE HG23 H N N 61  
ILE HD11 H N N 62  
ILE HD12 H N N 63  
ILE HD13 H N N 64  
ILE HXT  H N N 65  
LEU N    N N N 66  
LEU CA   C N S 67  
LEU C    C N N 68  
LEU O    O N N 69  
LEU CB   C N N 70  
LEU CG   C N N 71  
LEU CD1  C N N 72  
LEU CD2  C N N 73  
LEU OXT  O N N 74  
LEU H    H N N 75  
LEU H2   H N N 76  
LEU HA   H N N 77  
LEU HB2  H N N 78  
LEU HB3  H N N 79  
LEU HG   H N N 80  
LEU HD11 H N N 81  
LEU HD12 H N N 82  
LEU HD13 H N N 83  
LEU HD21 H N N 84  
LEU HD22 H N N 85  
LEU HD23 H N N 86  
LEU HXT  H N N 87  
PHE N    N N N 88  
PHE CA   C N S 89  
PHE C    C N N 90  
PHE O    O N N 91  
PHE CB   C N N 92  
PHE CG   C Y N 93  
PHE CD1  C Y N 94  
PHE CD2  C Y N 95  
PHE CE1  C Y N 96  
PHE CE2  C Y N 97  
PHE CZ   C Y N 98  
PHE OXT  O N N 99  
PHE H    H N N 100 
PHE H2   H N N 101 
PHE HA   H N N 102 
PHE HB2  H N N 103 
PHE HB3  H N N 104 
PHE HD1  H N N 105 
PHE HD2  H N N 106 
PHE HE1  H N N 107 
PHE HE2  H N N 108 
PHE HZ   H N N 109 
PHE HXT  H N N 110 
SER N    N N N 111 
SER CA   C N S 112 
SER C    C N N 113 
SER O    O N N 114 
SER CB   C N N 115 
SER OG   O N N 116 
SER OXT  O N N 117 
SER H    H N N 118 
SER H2   H N N 119 
SER HA   H N N 120 
SER HB2  H N N 121 
SER HB3  H N N 122 
SER HG   H N N 123 
SER HXT  H N N 124 
# 
loop_
_chem_comp_bond.comp_id 
_chem_comp_bond.atom_id_1 
_chem_comp_bond.atom_id_2 
_chem_comp_bond.value_order 
_chem_comp_bond.pdbx_aromatic_flag 
_chem_comp_bond.pdbx_stereo_config 
_chem_comp_bond.pdbx_ordinal 
ALA N   CA   sing N N 1   
ALA N   H    sing N N 2   
ALA N   H2   sing N N 3   
ALA CA  C    sing N N 4   
ALA CA  CB   sing N N 5   
ALA CA  HA   sing N N 6   
ALA C   O    doub N N 7   
ALA C   OXT  sing N N 8   
ALA CB  HB1  sing N N 9   
ALA CB  HB2  sing N N 10  
ALA CB  HB3  sing N N 11  
ALA OXT HXT  sing N N 12  
ASN N   CA   sing N N 13  
ASN N   H    sing N N 14  
ASN N   H2   sing N N 15  
ASN CA  C    sing N N 16  
ASN CA  CB   sing N N 17  
ASN CA  HA   sing N N 18  
ASN C   O    doub N N 19  
ASN C   OXT  sing N N 20  
ASN CB  CG   sing N N 21  
ASN CB  HB2  sing N N 22  
ASN CB  HB3  sing N N 23  
ASN CG  OD1  doub N N 24  
ASN CG  ND2  sing N N 25  
ASN ND2 HD21 sing N N 26  
ASN ND2 HD22 sing N N 27  
ASN OXT HXT  sing N N 28  
GLY N   CA   sing N N 29  
GLY N   H    sing N N 30  
GLY N   H2   sing N N 31  
GLY CA  C    sing N N 32  
GLY CA  HA2  sing N N 33  
GLY CA  HA3  sing N N 34  
GLY C   O    doub N N 35  
GLY C   OXT  sing N N 36  
GLY OXT HXT  sing N N 37  
HOH O   H1   sing N N 38  
HOH O   H2   sing N N 39  
ILE N   CA   sing N N 40  
ILE N   H    sing N N 41  
ILE N   H2   sing N N 42  
ILE CA  C    sing N N 43  
ILE CA  CB   sing N N 44  
ILE CA  HA   sing N N 45  
ILE C   O    doub N N 46  
ILE C   OXT  sing N N 47  
ILE CB  CG1  sing N N 48  
ILE CB  CG2  sing N N 49  
ILE CB  HB   sing N N 50  
ILE CG1 CD1  sing N N 51  
ILE CG1 HG12 sing N N 52  
ILE CG1 HG13 sing N N 53  
ILE CG2 HG21 sing N N 54  
ILE CG2 HG22 sing N N 55  
ILE CG2 HG23 sing N N 56  
ILE CD1 HD11 sing N N 57  
ILE CD1 HD12 sing N N 58  
ILE CD1 HD13 sing N N 59  
ILE OXT HXT  sing N N 60  
LEU N   CA   sing N N 61  
LEU N   H    sing N N 62  
LEU N   H2   sing N N 63  
LEU CA  C    sing N N 64  
LEU CA  CB   sing N N 65  
LEU CA  HA   sing N N 66  
LEU C   O    doub N N 67  
LEU C   OXT  sing N N 68  
LEU CB  CG   sing N N 69  
LEU CB  HB2  sing N N 70  
LEU CB  HB3  sing N N 71  
LEU CG  CD1  sing N N 72  
LEU CG  CD2  sing N N 73  
LEU CG  HG   sing N N 74  
LEU CD1 HD11 sing N N 75  
LEU CD1 HD12 sing N N 76  
LEU CD1 HD13 sing N N 77  
LEU CD2 HD21 sing N N 78  
LEU CD2 HD22 sing N N 79  
LEU CD2 HD23 sing N N 80  
LEU OXT HXT  sing N N 81  
PHE N   CA   sing N N 82  
PHE N   H    sing N N 83  
PHE N   H2   sing N N 84  
PHE CA  C    sing N N 85  
PHE CA  CB   sing N N 86  
PHE CA  HA   sing N N 87  
PHE C   O    doub N N 88  
PHE C   OXT  sing N N 89  
PHE CB  CG   sing N N 90  
PHE CB  HB2  sing N N 91  
PHE CB  HB3  sing N N 92  
PHE CG  CD1  doub Y N 93  
PHE CG  CD2  sing Y N 94  
PHE CD1 CE1  sing Y N 95  
PHE CD1 HD1  sing N N 96  
PHE CD2 CE2  doub Y N 97  
PHE CD2 HD2  sing N N 98  
PHE CE1 CZ   doub Y N 99  
PHE CE1 HE1  sing N N 100 
PHE CE2 CZ   sing Y N 101 
PHE CE2 HE2  sing N N 102 
PHE CZ  HZ   sing N N 103 
PHE OXT HXT  sing N N 104 
SER N   CA   sing N N 105 
SER N   H    sing N N 106 
SER N   H2   sing N N 107 
SER CA  C    sing N N 108 
SER CA  CB   sing N N 109 
SER CA  HA   sing N N 110 
SER C   O    doub N N 111 
SER C   OXT  sing N N 112 
SER CB  OG   sing N N 113 
SER CB  HB2  sing N N 114 
SER CB  HB3  sing N N 115 
SER OG  HG   sing N N 116 
SER OXT HXT  sing N N 117 
# 
_atom_sites.entry_id                    5E5V 
_atom_sites.fract_transf_matrix[1][1]   -0.11483010 
_atom_sites.fract_transf_matrix[1][2]   0.00824441 
_atom_sites.fract_transf_matrix[1][3]   -0.03295075 
_atom_sites.fract_transf_matrix[2][1]   -0.00037455 
_atom_sites.fract_transf_matrix[2][2]   -0.06640795 
_atom_sites.fract_transf_matrix[2][3]   0.05896019 
_atom_sites.fract_transf_matrix[3][1]   -0.00136701 
_atom_sites.fract_transf_matrix[3][2]   0.03220778 
_atom_sites.fract_transf_matrix[3][3]   0.03400267 
_atom_sites.fract_transf_vector[1]      0.220399 
_atom_sites.fract_transf_vector[2]      -0.095163 
_atom_sites.fract_transf_vector[3]      -0.105702 
# 
loop_
_atom_type.symbol 
C 
N 
O 
# 
loop_
_atom_site.group_PDB 
_atom_site.id 
_atom_site.type_symbol 
_atom_site.label_atom_id 
_atom_site.label_alt_id 
_atom_site.label_comp_id 
_atom_site.label_asym_id 
_atom_site.label_entity_id 
_atom_site.label_seq_id 
_atom_site.pdbx_PDB_ins_code 
_atom_site.Cartn_x 
_atom_site.Cartn_y 
_atom_site.Cartn_z 
_atom_site.occupancy 
_atom_site.B_iso_or_equiv 
_atom_site.pdbx_formal_charge 
_atom_site.auth_seq_id 
_atom_site.auth_comp_id 
_atom_site.auth_asym_id 
_atom_site.auth_atom_id 
_atom_site.pdbx_PDB_model_num 
ATOM   1   N N   . ASN A 1 1 ? -0.259 1.528  -13.196 1.00 1.70  ? 1   ASN A N   1 
ATOM   2   C CA  . ASN A 1 1 ? -0.889 1.018  -11.992 1.00 1.05  ? 1   ASN A CA  1 
ATOM   3   C C   . ASN A 1 1 ? -0.657 1.999  -10.843 1.00 0.88  ? 1   ASN A C   1 
ATOM   4   O O   . ASN A 1 1 ? -0.216 3.125  -11.058 1.00 0.56  ? 1   ASN A O   1 
ATOM   5   C CB  . ASN A 1 1 ? -0.358 -0.382 -11.666 1.00 1.97  ? 1   ASN A CB  1 
ATOM   6   C CG  . ASN A 1 1 ? 1.140  -0.398 -11.435 1.00 2.88  ? 1   ASN A CG  1 
ATOM   7   O OD1 . ASN A 1 1 ? 1.848  0.542  -11.803 1.00 2.28  ? 1   ASN A OD1 1 
ATOM   8   N ND2 . ASN A 1 1 ? 1.634  -1.483 -10.853 1.00 4.34  ? 1   ASN A ND2 1 
ATOM   9   N N   . PHE A 1 2 ? -0.980 1.581  -9.631  1.00 0.38  ? 2   PHE A N   1 
ATOM   10  C CA  . PHE A 1 2 ? -0.815 2.424  -8.462  1.00 0.24  ? 2   PHE A CA  1 
ATOM   11  C C   . PHE A 1 2 ? -0.495 1.553  -7.255  1.00 0.36  ? 2   PHE A C   1 
ATOM   12  O O   . PHE A 1 2 ? -0.629 0.325  -7.308  1.00 0.22  ? 2   PHE A O   1 
ATOM   13  C CB  . PHE A 1 2 ? -2.064 3.287  -8.232  1.00 0.85  ? 2   PHE A CB  1 
ATOM   14  C CG  . PHE A 1 2 ? -3.345 2.509  -8.154  1.00 0.40  ? 2   PHE A CG  1 
ATOM   15  C CD1 . PHE A 1 2 ? -3.689 1.831  -6.998  1.00 1.42  ? 2   PHE A CD1 1 
ATOM   16  C CD2 . PHE A 1 2 ? -4.216 2.464  -9.237  1.00 1.32  ? 2   PHE A CD2 1 
ATOM   17  C CE1 . PHE A 1 2 ? -4.872 1.129  -6.922  1.00 2.03  ? 2   PHE A CE1 1 
ATOM   18  C CE2 . PHE A 1 2 ? -5.412 1.747  -9.154  1.00 0.78  ? 2   PHE A CE2 1 
ATOM   19  C CZ  . PHE A 1 2 ? -5.727 1.084  -8.001  1.00 1.52  ? 2   PHE A CZ  1 
ATOM   20  N N   . GLY A 1 3 ? -0.068 2.178  -6.171  1.00 0.11  ? 3   GLY A N   1 
ATOM   21  C CA  . GLY A 1 3 ? 0.259  1.420  -4.988  1.00 0.18  ? 3   GLY A CA  1 
ATOM   22  C C   . GLY A 1 3 ? 0.542  2.322  -3.827  1.00 0.15  ? 3   GLY A C   1 
ATOM   23  O O   . GLY A 1 3 ? 0.811  3.509  -4.006  1.00 0.38  ? 3   GLY A O   1 
ATOM   24  N N   . ALA A 1 4 ? 0.478  1.756  -2.632  1.00 0.11  ? 4   ALA A N   1 
ATOM   25  C CA  . ALA A 1 4 ? 0.735  2.533  -1.434  1.00 0.12  ? 4   ALA A CA  1 
ATOM   26  C C   . ALA A 1 4 ? 1.089  1.646  -0.270  1.00 0.27  ? 4   ALA A C   1 
ATOM   27  O O   . ALA A 1 4 ? 0.698  0.476  -0.224  1.00 0.21  ? 4   ALA A O   1 
ATOM   28  C CB  . ALA A 1 4 ? -0.471 3.372  -1.076  1.00 0.20  ? 4   ALA A CB  1 
ATOM   29  N N   . ILE A 1 5 ? 1.823  2.224  0.677   1.00 0.22  ? 5   ILE A N   1 
ATOM   30  C CA  . ILE A 1 5 ? 2.051  1.594  1.970   1.00 0.49  ? 5   ILE A CA  1 
ATOM   31  C C   . ILE A 1 5 ? 1.811  2.591  3.086   1.00 1.02  ? 5   ILE A C   1 
ATOM   32  O O   . ILE A 1 5 ? 2.164  3.769  2.971   1.00 0.85  ? 5   ILE A O   1 
ATOM   33  C CB  . ILE A 1 5 ? 3.457  0.938  2.108   1.00 0.60  ? 5   ILE A CB  1 
ATOM   34  C CG1 . ILE A 1 5 ? 4.578  1.899  1.713   1.00 0.83  ? 5   ILE A CG1 1 
ATOM   35  C CG2 . ILE A 1 5 ? 3.536  -0.334 1.267   1.00 0.66  ? 5   ILE A CG2 1 
ATOM   36  C CD1 . ILE A 1 5 ? 5.987  1.308  1.920   1.00 1.30  ? 5   ILE A CD1 1 
ATOM   37  N N   . LEU A 1 6 ? 1.166  2.111  4.146   1.00 0.98  ? 6   LEU A N   1 
ATOM   38  C CA  . LEU A 1 6 ? 0.871  2.920  5.322   1.00 1.59  ? 6   LEU A CA  1 
ATOM   39  C C   . LEU A 1 6 ? 1.590  2.297  6.501   1.00 2.52  ? 6   LEU A C   1 
ATOM   40  O O   . LEU A 1 6 ? 1.648  1.070  6.614   1.00 1.46  ? 6   LEU A O   1 
ATOM   41  C CB  . LEU A 1 6 ? -0.629 2.913  5.614   1.00 2.66  ? 6   LEU A CB  1 
ATOM   42  C CG  . LEU A 1 6 ? -1.575 3.297  4.476   1.00 2.90  ? 6   LEU A CG  1 
ATOM   43  C CD1 . LEU A 1 6 ? -3.021 3.261  4.929   1.00 5.33  ? 6   LEU A CD1 1 
ATOM   44  C CD2 . LEU A 1 6 ? -1.200 4.667  3.942   1.00 5.05  ? 6   LEU A CD2 1 
ATOM   45  N N   . SER A 1 7 ? 2.115  3.137  7.386   1.00 2.65  ? 7   SER A N   1 
ATOM   46  C CA  . SER A 1 7 ? 2.714  2.673  8.627   1.00 4.60  ? 7   SER A CA  1 
ATOM   47  C C   . SER A 1 7 ? 1.656  2.613  9.729   1.00 5.14  ? 7   SER A C   1 
ATOM   48  O O   . SER A 1 7 ? 1.982  2.520  10.917  1.00 8.31  ? 7   SER A O   1 
ATOM   49  C CB  . SER A 1 7 ? 3.855  3.600  9.042   1.00 5.51  ? 7   SER A CB  1 
ATOM   50  O OG  . SER A 1 7 ? 3.389  4.930  9.161   1.00 6.68  ? 7   SER A OG  1 
ATOM   51  O OXT . SER A 1 7 ? 0.448  2.665  9.488   1.00 9.85  ? 7   SER A OXT 1 
ATOM   52  N N   . ASN B 1 1 ? 1.507  -0.915 12.996  1.00 6.54  ? 1   ASN B N   1 
ATOM   53  C CA  . ASN B 1 1 ? 0.733  -1.525 11.920  1.00 3.76  ? 1   ASN B CA  1 
ATOM   54  C C   . ASN B 1 1 ? 1.314  -1.261 10.539  1.00 4.69  ? 1   ASN B C   1 
ATOM   55  O O   . ASN B 1 1 ? 2.216  -0.442 10.373  1.00 2.96  ? 1   ASN B O   1 
ATOM   56  C CB  . ASN B 1 1 ? -0.705 -1.018 11.950  1.00 4.93  ? 1   ASN B CB  1 
ATOM   57  C CG  . ASN B 1 1 ? -1.432 -1.406 13.221  1.00 6.38  ? 1   ASN B CG  1 
ATOM   58  O OD1 . ASN B 1 1 ? -0.999 -2.295 13.948  1.00 5.35  ? 1   ASN B OD1 1 
ATOM   59  N ND2 . ASN B 1 1 ? -2.556 -0.744 13.485  1.00 10.10 ? 1   ASN B ND2 1 
ATOM   60  N N   . PHE B 1 2 ? 0.785  -1.965 9.548   1.00 0.87  ? 2   PHE B N   1 
ATOM   61  C CA  . PHE B 1 2 ? 1.214  -1.795 8.177   1.00 1.01  ? 2   PHE B CA  1 
ATOM   62  C C   . PHE B 1 2 ? 0.072  -2.176 7.269   1.00 0.61  ? 2   PHE B C   1 
ATOM   63  O O   . PHE B 1 2 ? -0.615 -3.167 7.522   1.00 0.35  ? 2   PHE B O   1 
ATOM   64  C CB  . PHE B 1 2 ? 2.393  -2.714 7.901   1.00 1.38  ? 2   PHE B CB  1 
ATOM   65  C CG  . PHE B 1 2 ? 2.747  -2.833 6.456   1.00 0.42  ? 2   PHE B CG  1 
ATOM   66  C CD1 . PHE B 1 2 ? 3.567  -1.890 5.852   1.00 0.79  ? 2   PHE B CD1 1 
ATOM   67  C CD2 . PHE B 1 2 ? 2.298  -3.918 5.705   1.00 1.05  ? 2   PHE B CD2 1 
ATOM   68  C CE1 . PHE B 1 2 ? 3.910  -2.014 4.527   1.00 0.82  ? 2   PHE B CE1 1 
ATOM   69  C CE2 . PHE B 1 2 ? 2.649  -4.047 4.388   1.00 0.84  ? 2   PHE B CE2 1 
ATOM   70  C CZ  . PHE B 1 2 ? 3.460  -3.102 3.795   1.00 0.53  ? 2   PHE B CZ  1 
ATOM   71  N N   . GLY B 1 3 ? -0.125 -1.393 6.211   1.00 0.19  ? 3   GLY B N   1 
ATOM   72  C CA  . GLY B 1 3 ? -1.107 -1.715 5.192   1.00 0.44  ? 3   GLY B CA  1 
ATOM   73  C C   . GLY B 1 3 ? -0.529 -1.422 3.829   1.00 0.34  ? 3   GLY B C   1 
ATOM   74  O O   . GLY B 1 3 ? 0.299  -0.522 3.670   1.00 0.33  ? 3   GLY B O   1 
ATOM   75  N N   . ALA B 1 4 ? -0.947 -2.193 2.834   1.00 0.10  ? 4   ALA B N   1 
ATOM   76  C CA  . ALA B 1 4 ? -0.422 -2.034 1.491   1.00 0.16  ? 4   ALA B CA  1 
ATOM   77  C C   . ALA B 1 4 ? -1.465 -2.358 0.427   1.00 0.23  ? 4   ALA B C   1 
ATOM   78  O O   . ALA B 1 4 ? -2.369 -3.165 0.636   1.00 0.15  ? 4   ALA B O   1 
ATOM   79  C CB  . ALA B 1 4 ? 0.788  -2.936 1.303   1.00 0.68  ? 4   ALA B CB  1 
ATOM   80  N N   . ILE B 1 5 ? -1.313 -1.728 -0.726  1.00 0.10  ? 5   ILE B N   1 
ATOM   81  C CA  . ILE B 1 5 ? -2.109 -2.062 -1.893  1.00 0.19  ? 5   ILE B CA  1 
ATOM   82  C C   . ILE B 1 5 ? -1.225 -1.896 -3.113  1.00 0.18  ? 5   ILE B C   1 
ATOM   83  O O   . ILE B 1 5 ? -0.367 -1.006 -3.169  1.00 0.19  ? 5   ILE B O   1 
ATOM   84  C CB  . ILE B 1 5 ? -3.377 -1.165 -2.010  1.00 0.15  ? 5   ILE B CB  1 
ATOM   85  C CG1 . ILE B 1 5 ? -4.252 -1.596 -3.198  1.00 0.19  ? 5   ILE B CG1 1 
ATOM   86  C CG2 . ILE B 1 5 ? -3.016 0.307  -2.125  1.00 0.17  ? 5   ILE B CG2 1 
ATOM   87  C CD1 . ILE B 1 5 ? -5.664 -0.994 -3.186  1.00 0.85  ? 5   ILE B CD1 1 
ATOM   88  N N   . LEU B 1 6 ? -1.420 -2.762 -4.096  1.00 0.27  ? 6   LEU B N   1 
ATOM   89  C CA  . LEU B 1 6 ? -0.665 -2.687 -5.325  1.00 1.32  ? 6   LEU B CA  1 
ATOM   90  C C   . LEU B 1 6 ? -1.562 -3.169 -6.454  1.00 1.63  ? 6   LEU B C   1 
ATOM   91  O O   . LEU B 1 6 ? -2.053 -4.290 -6.417  1.00 2.48  ? 6   LEU B O   1 
ATOM   92  C CB  . LEU B 1 6 ? 0.590  -3.560 -5.218  1.00 0.95  ? 6   LEU B CB  1 
ATOM   93  C CG  . LEU B 1 6 ? 1.479  -3.690 -6.450  1.00 2.83  ? 6   LEU B CG  1 
ATOM   94  C CD1 . LEU B 1 6 ? 1.990  -2.331 -6.887  1.00 2.82  ? 6   LEU B CD1 1 
ATOM   95  C CD2 . LEU B 1 6 ? 2.644  -4.633 -6.162  1.00 3.44  ? 6   LEU B CD2 1 
ATOM   96  N N   . SER B 1 7 ? -1.799 -2.326 -7.450  1.00 2.48  ? 7   SER B N   1 
ATOM   97  C CA  . SER B 1 7 ? -2.571 -2.763 -8.605  1.00 3.10  ? 7   SER B CA  1 
ATOM   98  C C   . SER B 1 7 ? -1.652 -3.226 -9.735  1.00 4.95  ? 7   SER B C   1 
ATOM   99  O O   . SER B 1 7 ? -2.117 -3.588 -10.822 1.00 6.54  ? 7   SER B O   1 
ATOM   100 C CB  . SER B 1 7 ? -3.494 -1.648 -9.085  1.00 2.39  ? 7   SER B CB  1 
ATOM   101 O OG  . SER B 1 7 ? -2.758 -0.663 -9.777  1.00 2.06  ? 7   SER B OG  1 
ATOM   102 O OXT . SER B 1 7 ? -0.426 -3.254 -9.615  1.00 5.21  ? 7   SER B OXT 1 
HETATM 103 O O   . HOH C 2 . ? -1.747 3.911  10.008  1.00 11.54 ? 101 HOH A O   1 
HETATM 104 O O   . HOH C 2 . ? -1.811 0.141  -14.996 1.00 4.04  ? 102 HOH A O   1 
HETATM 105 O O   . HOH C 2 . ? 6.218  6.145  7.831   1.00 2.04  ? 103 HOH A O   1 
HETATM 106 O O   . HOH D 2 . ? 3.537  0.803  12.925  1.00 9.57  ? 101 HOH B O   1 
HETATM 107 O O   . HOH D 2 . ? -4.113 0.095  -11.971 1.00 3.97  ? 102 HOH B O   1 
HETATM 108 O O   . HOH D 2 . ? 1.166  -0.468 15.656  1.00 7.71  ? 103 HOH B O   1 
HETATM 109 O O   . HOH D 2 . ? -4.809 -3.856 -11.741 1.00 10.73 ? 104 HOH B O   1 
# 
